data_2VWP
#
_entry.id   2VWP
#
_cell.length_a   60.569
_cell.length_b   107.725
_cell.length_c   153.646
_cell.angle_alpha   90.00
_cell.angle_beta   90.00
_cell.angle_gamma   90.00
#
_symmetry.space_group_name_H-M   'I 2 2 2'
#
loop_
_entity.id
_entity.type
_entity.pdbx_description
1 polymer 'GLUCOSE DEHYDROGENASE'
2 non-polymer 'NADPH DIHYDRO-NICOTINAMIDE-ADENINE-DINUCLEOTIDE PHOSPHATE'
3 non-polymer 'ZINC ION'
4 water water
#
_entity_poly.entity_id   1
_entity_poly.type   'polypeptide(L)'
_entity_poly.pdbx_seq_one_letter_code
;MKAIAVKRGEDRPVVIEKPRPEPESGEALVRTLRVGVDGTDHEVIAGGHGGFPEGEDHLVLGHEAVGVVVDPNDTELEEG
DIVVPTVRRPPASGTNEYFERDQPDMAPDGMYFERGIVGAHGYMSEFFTSPEKYLVRIPRSQAELGFLIEPISITEKALE
HAYASRSAFDWDPSSAFVLGNGSLGLLTLAMLKVDDKGYENLYCLGRRDRPDPTIDIIEELDATYVDSRQTPVEDVPDVY
EQMDFIYEATGFPKHAIQSVQALAPNGVGALLGVPSDWAFEVDAGAFHREMVLHNKALVGSVNSHVEHFEAATVTFTKLP
KWFLEDLVTGVHPLSEFEAAFDDDDTTIKTAIEFSTV
;
_entity_poly.pdbx_strand_id   A
#
# COMPACT_ATOMS: atom_id res chain seq x y z
N MET A 1 17.41 20.05 -10.20
CA MET A 1 17.44 18.63 -9.72
C MET A 1 16.78 17.71 -10.74
N LYS A 2 17.15 16.43 -10.69
CA LYS A 2 16.52 15.42 -11.53
C LYS A 2 15.27 14.85 -10.87
N ALA A 3 14.30 14.49 -11.69
CA ALA A 3 13.09 13.81 -11.23
C ALA A 3 12.62 12.85 -12.32
N ILE A 4 11.87 11.83 -11.93
CA ILE A 4 11.24 10.88 -12.86
C ILE A 4 9.76 11.22 -12.92
N ALA A 5 9.28 11.50 -14.14
CA ALA A 5 7.91 11.97 -14.35
C ALA A 5 7.26 11.38 -15.61
N VAL A 6 5.93 11.45 -15.64
CA VAL A 6 5.18 11.24 -16.90
C VAL A 6 4.75 12.61 -17.42
N LYS A 7 5.03 12.86 -18.69
CA LYS A 7 4.61 14.09 -19.38
C LYS A 7 3.32 13.84 -20.14
N ARG A 8 2.53 14.89 -20.34
CA ARG A 8 1.29 14.82 -21.13
C ARG A 8 1.50 14.22 -22.52
N GLY A 9 0.57 13.34 -22.92
CA GLY A 9 0.60 12.71 -24.23
C GLY A 9 1.66 11.63 -24.44
N GLU A 10 2.54 11.44 -23.44
CA GLU A 10 3.59 10.41 -23.51
C GLU A 10 3.21 9.17 -22.71
N ASP A 11 3.80 8.03 -23.05
CA ASP A 11 3.42 6.75 -22.43
C ASP A 11 4.53 6.05 -21.63
N ARG A 12 5.57 6.82 -21.26
CA ARG A 12 6.74 6.31 -20.55
C ARG A 12 7.23 7.30 -19.48
N PRO A 13 7.78 6.79 -18.36
CA PRO A 13 8.46 7.70 -17.41
C PRO A 13 9.79 8.18 -18.00
N VAL A 14 10.12 9.44 -17.73
CA VAL A 14 11.37 10.01 -18.21
C VAL A 14 12.01 10.87 -17.12
N VAL A 15 13.33 11.08 -17.22
CA VAL A 15 14.02 12.08 -16.40
C VAL A 15 13.74 13.49 -16.89
N ILE A 16 13.40 14.36 -15.95
CA ILE A 16 13.23 15.78 -16.17
C ILE A 16 14.07 16.55 -15.19
N GLU A 17 14.21 17.84 -15.46
CA GLU A 17 14.81 18.74 -14.50
C GLU A 17 13.86 19.83 -14.12
N LYS A 18 13.91 20.16 -12.84
CA LYS A 18 13.13 21.23 -12.26
C LYS A 18 13.94 21.77 -11.08
N PRO A 19 13.63 22.99 -10.63
CA PRO A 19 14.40 23.54 -9.51
C PRO A 19 14.21 22.75 -8.21
N ARG A 20 15.25 22.74 -7.38
CA ARG A 20 15.16 22.13 -6.05
C ARG A 20 14.13 22.94 -5.24
N PRO A 21 13.16 22.25 -4.59
CA PRO A 21 12.13 22.97 -3.86
C PRO A 21 12.74 23.66 -2.62
N GLU A 22 12.08 24.71 -2.16
CA GLU A 22 12.51 25.41 -0.94
C GLU A 22 11.43 25.25 0.13
N PRO A 23 11.84 24.87 1.35
CA PRO A 23 10.85 24.62 2.39
C PRO A 23 10.22 25.92 2.89
N GLU A 24 8.89 25.93 2.91
CA GLU A 24 8.09 26.98 3.52
C GLU A 24 8.02 26.73 5.02
N SER A 25 7.38 27.64 5.74
CA SER A 25 7.31 27.52 7.19
C SER A 25 6.59 26.24 7.62
N GLY A 26 7.18 25.53 8.57
CA GLY A 26 6.64 24.26 9.03
C GLY A 26 7.04 23.07 8.18
N GLU A 27 7.82 23.31 7.13
CA GLU A 27 8.30 22.23 6.24
C GLU A 27 9.79 21.97 6.40
N ALA A 28 10.20 20.71 6.22
CA ALA A 28 11.61 20.35 6.10
C ALA A 28 11.96 20.07 4.65
N LEU A 29 13.23 20.28 4.30
CA LEU A 29 13.76 19.84 3.02
C LEU A 29 14.37 18.45 3.20
N VAL A 30 14.00 17.53 2.30
CA VAL A 30 14.43 16.14 2.40
C VAL A 30 15.21 15.73 1.16
N ARG A 31 16.35 15.07 1.37
CA ARG A 31 17.03 14.39 0.29
C ARG A 31 16.50 12.96 0.14
N THR A 32 15.88 12.72 -1.02
CA THR A 32 15.32 11.41 -1.36
C THR A 32 16.39 10.31 -1.40
N LEU A 33 16.09 9.22 -0.70
CA LEU A 33 16.97 8.07 -0.68
C LEU A 33 16.48 7.07 -1.71
N ARG A 34 15.30 6.49 -1.46
CA ARG A 34 14.72 5.46 -2.29
C ARG A 34 13.22 5.67 -2.41
N VAL A 35 12.68 5.36 -3.58
CA VAL A 35 11.24 5.43 -3.78
C VAL A 35 10.75 4.15 -4.45
N GLY A 36 9.77 3.52 -3.83
CA GLY A 36 9.18 2.30 -4.33
C GLY A 36 8.28 2.60 -5.52
N VAL A 37 8.17 1.61 -6.41
CA VAL A 37 7.22 1.62 -7.49
C VAL A 37 6.03 0.77 -7.11
N ASP A 38 4.86 1.25 -7.47
CA ASP A 38 3.60 0.64 -7.15
C ASP A 38 2.73 0.56 -8.42
N GLY A 39 1.68 -0.25 -8.36
CA GLY A 39 0.62 -0.29 -9.38
C GLY A 39 0.06 1.06 -9.78
N THR A 40 -0.13 1.96 -8.80
CA THR A 40 -0.63 3.31 -9.11
C THR A 40 0.30 4.08 -10.03
N ASP A 41 1.61 3.85 -9.91
CA ASP A 41 2.58 4.48 -10.79
C ASP A 41 2.39 3.95 -12.20
N HIS A 42 2.17 2.66 -12.31
CA HIS A 42 1.89 2.02 -13.58
C HIS A 42 0.59 2.55 -14.22
N GLU A 43 -0.45 2.74 -13.42
CA GLU A 43 -1.72 3.35 -13.86
C GLU A 43 -1.56 4.78 -14.40
N VAL A 44 -0.71 5.60 -13.75
CA VAL A 44 -0.37 6.93 -14.28
C VAL A 44 0.30 6.83 -15.65
N ILE A 45 1.32 5.99 -15.73
CA ILE A 45 2.06 5.73 -16.98
C ILE A 45 1.18 5.18 -18.11
N ALA A 46 0.08 4.51 -17.75
CA ALA A 46 -0.81 3.85 -18.72
C ALA A 46 -1.61 4.85 -19.56
N GLY A 47 -1.98 5.97 -18.96
CA GLY A 47 -2.74 7.00 -19.64
C GLY A 47 -3.69 7.72 -18.70
N GLY A 48 -3.47 7.52 -17.39
CA GLY A 48 -4.25 8.23 -16.37
C GLY A 48 -3.63 9.58 -16.07
N HIS A 49 -3.79 10.52 -17.02
CA HIS A 49 -3.20 11.85 -16.91
C HIS A 49 -4.22 12.91 -16.45
N GLY A 50 -5.20 12.47 -15.68
CA GLY A 50 -6.17 13.37 -15.06
C GLY A 50 -5.68 13.85 -13.70
N GLY A 51 -4.67 13.16 -13.17
CA GLY A 51 -4.14 13.44 -11.84
C GLY A 51 -3.06 14.51 -11.78
N PHE A 52 -2.73 15.11 -12.92
CA PHE A 52 -1.66 16.12 -12.99
C PHE A 52 -2.01 17.34 -12.13
N PRO A 53 -0.98 17.97 -11.51
CA PRO A 53 -1.25 19.20 -10.75
C PRO A 53 -1.80 20.31 -11.64
N GLU A 54 -2.64 21.18 -11.06
CA GLU A 54 -3.22 22.34 -11.77
C GLU A 54 -2.20 23.08 -12.62
N GLY A 55 -2.44 23.09 -13.93
CA GLY A 55 -1.67 23.91 -14.87
C GLY A 55 -0.24 23.44 -15.12
N GLU A 56 0.00 22.14 -14.93
CA GLU A 56 1.33 21.58 -15.11
C GLU A 56 1.38 20.50 -16.18
N ASP A 57 2.53 20.41 -16.81
CA ASP A 57 2.79 19.58 -17.99
C ASP A 57 3.17 18.12 -17.68
N HIS A 58 3.38 17.83 -16.40
CA HIS A 58 3.92 16.54 -15.98
C HIS A 58 3.46 16.23 -14.56
N LEU A 59 3.56 14.96 -14.20
CA LEU A 59 3.41 14.52 -12.83
C LEU A 59 4.66 13.75 -12.43
N VAL A 60 5.36 14.23 -11.40
CA VAL A 60 6.42 13.44 -10.77
C VAL A 60 5.80 12.24 -10.07
N LEU A 61 6.33 11.07 -10.38
CA LEU A 61 5.80 9.79 -9.91
C LEU A 61 6.27 9.42 -8.50
N GLY A 62 5.71 8.36 -7.94
CA GLY A 62 6.19 7.76 -6.71
C GLY A 62 5.54 8.31 -5.45
N HIS A 63 4.97 7.43 -4.63
CA HIS A 63 4.38 7.86 -3.36
C HIS A 63 4.92 7.11 -2.13
N GLU A 64 5.88 6.20 -2.35
CA GLU A 64 6.43 5.33 -1.29
C GLU A 64 7.89 5.69 -1.07
N ALA A 65 8.11 6.71 -0.26
CA ALA A 65 9.44 7.30 -0.18
C ALA A 65 10.09 7.10 1.17
N VAL A 66 11.42 7.08 1.14
CA VAL A 66 12.21 7.27 2.33
C VAL A 66 13.29 8.28 1.99
N GLY A 67 13.57 9.19 2.93
CA GLY A 67 14.61 10.18 2.70
C GLY A 67 15.28 10.61 4.00
N VAL A 68 16.27 11.49 3.86
CA VAL A 68 17.01 12.06 4.99
C VAL A 68 16.80 13.59 5.02
N VAL A 69 16.43 14.12 6.19
CA VAL A 69 16.22 15.55 6.39
C VAL A 69 17.58 16.23 6.24
N VAL A 70 17.64 17.21 5.34
CA VAL A 70 18.89 17.97 5.08
C VAL A 70 18.77 19.42 5.52
N ASP A 71 17.53 19.90 5.61
CA ASP A 71 17.23 21.19 6.20
C ASP A 71 15.96 21.11 7.05
N PRO A 72 16.13 21.00 8.38
CA PRO A 72 14.97 20.96 9.28
C PRO A 72 14.19 22.28 9.33
N ASN A 73 14.73 23.35 8.74
CA ASN A 73 14.04 24.64 8.67
C ASN A 73 13.58 25.06 10.07
N ASP A 74 12.34 25.49 10.22
CA ASP A 74 11.77 25.88 11.53
C ASP A 74 10.98 24.75 12.24
N THR A 75 11.26 23.49 11.87
CA THR A 75 10.51 22.33 12.40
C THR A 75 11.25 21.72 13.58
N GLU A 76 10.65 20.71 14.20
CA GLU A 76 11.30 20.01 15.30
C GLU A 76 12.12 18.78 14.88
N LEU A 77 12.25 18.55 13.58
CA LEU A 77 13.12 17.51 13.05
C LEU A 77 14.58 17.95 13.14
N GLU A 78 15.50 17.00 13.01
CA GLU A 78 16.93 17.30 13.05
C GLU A 78 17.53 16.91 11.72
N GLU A 79 18.64 17.56 11.33
CA GLU A 79 19.38 17.14 10.14
C GLU A 79 19.88 15.73 10.38
N GLY A 80 19.73 14.87 9.38
CA GLY A 80 20.16 13.48 9.50
C GLY A 80 19.03 12.52 9.83
N ASP A 81 17.88 13.07 10.21
CA ASP A 81 16.70 12.24 10.49
C ASP A 81 16.25 11.47 9.23
N ILE A 82 16.03 10.15 9.38
CA ILE A 82 15.43 9.33 8.32
C ILE A 82 13.92 9.46 8.45
N VAL A 83 13.26 9.88 7.38
CA VAL A 83 11.82 10.11 7.41
C VAL A 83 11.07 9.46 6.24
N VAL A 84 9.81 9.11 6.48
CA VAL A 84 8.92 8.65 5.41
C VAL A 84 7.76 9.64 5.37
N PRO A 85 7.46 10.18 4.16
CA PRO A 85 6.30 11.07 4.01
C PRO A 85 4.96 10.33 3.93
N THR A 86 3.90 10.89 4.54
CA THR A 86 2.55 10.46 4.22
C THR A 86 2.22 10.92 2.80
N VAL A 87 1.12 10.39 2.26
CA VAL A 87 0.78 10.65 0.85
C VAL A 87 -0.20 11.81 0.68
N ARG A 88 -1.16 11.95 1.59
CA ARG A 88 -2.25 12.91 1.39
C ARG A 88 -1.91 14.34 1.82
N ARG A 89 -2.20 15.30 0.94
CA ARG A 89 -2.04 16.71 1.28
C ARG A 89 -3.36 17.43 0.99
N PRO A 90 -3.58 18.61 1.63
CA PRO A 90 -4.82 19.39 1.38
C PRO A 90 -5.09 19.67 -0.11
N PRO A 91 -6.38 19.74 -0.51
CA PRO A 91 -6.67 20.05 -1.91
C PRO A 91 -6.49 21.56 -2.21
N ALA A 92 -6.81 21.97 -3.43
CA ALA A 92 -6.62 23.38 -3.88
C ALA A 92 -7.25 24.39 -2.92
N SER A 93 -8.54 24.21 -2.61
CA SER A 93 -9.28 25.07 -1.69
C SER A 93 -8.69 25.22 -0.28
N GLY A 94 -7.73 24.36 0.06
CA GLY A 94 -7.05 24.43 1.34
C GLY A 94 -7.53 23.36 2.31
N THR A 95 -7.22 23.56 3.59
CA THR A 95 -7.50 22.59 4.65
C THR A 95 -9.00 22.31 4.83
N ASN A 96 -9.31 21.21 5.50
CA ASN A 96 -10.67 20.84 5.87
C ASN A 96 -10.66 20.04 7.17
N GLU A 97 -11.85 19.61 7.61
CA GLU A 97 -12.02 18.88 8.89
C GLU A 97 -11.16 17.61 9.00
N TYR A 98 -10.96 16.90 7.89
CA TYR A 98 -10.18 15.66 7.86
C TYR A 98 -8.73 15.93 8.16
N PHE A 99 -8.19 16.97 7.51
CA PHE A 99 -6.83 17.41 7.76
C PHE A 99 -6.66 18.03 9.15
N GLU A 100 -7.65 18.82 9.57
CA GLU A 100 -7.65 19.46 10.90
C GLU A 100 -7.67 18.46 12.05
N ARG A 101 -8.44 17.38 11.87
CA ARG A 101 -8.59 16.33 12.87
C ARG A 101 -7.53 15.22 12.77
N ASP A 102 -6.49 15.45 11.95
CA ASP A 102 -5.41 14.47 11.73
C ASP A 102 -5.92 13.11 11.26
N GLN A 103 -6.91 13.14 10.36
CA GLN A 103 -7.37 11.91 9.69
C GLN A 103 -7.67 12.14 8.21
N PRO A 104 -6.68 12.63 7.43
CA PRO A 104 -6.93 12.84 6.00
C PRO A 104 -7.17 11.55 5.20
N ASP A 105 -6.75 10.42 5.75
CA ASP A 105 -7.00 9.09 5.18
C ASP A 105 -8.49 8.76 5.07
N MET A 106 -9.33 9.48 5.81
CA MET A 106 -10.78 9.31 5.81
C MET A 106 -11.46 10.37 4.95
N ALA A 107 -10.68 11.31 4.41
CA ALA A 107 -11.21 12.32 3.46
C ALA A 107 -11.77 11.64 2.24
N PRO A 108 -12.98 12.06 1.79
CA PRO A 108 -13.56 11.50 0.58
C PRO A 108 -13.01 12.13 -0.69
N ASP A 109 -13.43 11.59 -1.83
CA ASP A 109 -13.01 12.05 -3.15
C ASP A 109 -13.09 13.58 -3.31
N GLY A 110 -12.04 14.16 -3.88
CA GLY A 110 -12.02 15.59 -4.15
C GLY A 110 -11.58 16.40 -2.95
N MET A 111 -11.48 15.77 -1.79
CA MET A 111 -11.12 16.52 -0.58
C MET A 111 -9.67 16.32 -0.09
N TYR A 112 -8.80 15.91 -1.00
CA TYR A 112 -7.38 15.67 -0.72
C TYR A 112 -6.64 15.61 -2.04
N PHE A 113 -5.34 15.86 -1.97
CA PHE A 113 -4.42 15.44 -3.01
C PHE A 113 -3.59 14.27 -2.46
N GLU A 114 -3.10 13.42 -3.35
CA GLU A 114 -2.16 12.35 -3.01
C GLU A 114 -0.93 12.57 -3.85
N ARG A 115 0.19 12.78 -3.17
CA ARG A 115 1.45 13.02 -3.85
C ARG A 115 1.86 11.82 -4.68
N GLY A 116 2.13 12.08 -5.97
CA GLY A 116 2.48 11.04 -6.96
C GLY A 116 1.28 10.30 -7.52
N ILE A 117 0.08 10.76 -7.20
CA ILE A 117 -1.14 10.05 -7.66
C ILE A 117 -2.20 10.98 -8.26
N VAL A 118 -2.63 11.98 -7.50
CA VAL A 118 -3.65 12.93 -7.96
C VAL A 118 -3.47 14.32 -7.35
N GLY A 119 -3.31 15.31 -8.24
CA GLY A 119 -3.28 16.73 -7.87
C GLY A 119 -1.97 17.25 -7.32
N ALA A 120 -1.00 16.36 -7.10
CA ALA A 120 0.28 16.76 -6.53
C ALA A 120 1.43 15.84 -6.94
N HIS A 121 2.58 16.43 -7.29
CA HIS A 121 3.80 15.69 -7.61
C HIS A 121 4.20 14.71 -6.51
N GLY A 122 4.78 13.59 -6.91
CA GLY A 122 5.29 12.58 -5.99
C GLY A 122 6.69 12.88 -5.49
N TYR A 123 7.38 11.80 -5.15
CA TYR A 123 8.64 11.85 -4.43
C TYR A 123 9.84 11.42 -5.24
N MET A 124 9.64 11.02 -6.51
CA MET A 124 10.77 10.60 -7.35
C MET A 124 11.56 11.78 -7.91
N SER A 125 12.09 12.60 -7.01
CA SER A 125 13.01 13.68 -7.32
C SER A 125 14.12 13.61 -6.30
N GLU A 126 15.27 14.18 -6.61
CA GLU A 126 16.42 14.19 -5.68
C GLU A 126 16.12 14.83 -4.33
N PHE A 127 15.24 15.84 -4.32
CA PHE A 127 14.83 16.53 -3.11
C PHE A 127 13.31 16.73 -3.12
N PHE A 128 12.70 16.75 -1.94
CA PHE A 128 11.32 17.19 -1.79
C PHE A 128 11.12 17.89 -0.45
N THR A 129 10.01 18.61 -0.33
CA THR A 129 9.63 19.23 0.93
C THR A 129 8.30 18.66 1.38
N SER A 130 8.01 18.82 2.66
CA SER A 130 6.73 18.44 3.26
C SER A 130 6.65 19.07 4.64
N PRO A 131 5.42 19.40 5.08
CA PRO A 131 5.17 19.74 6.49
C PRO A 131 5.72 18.67 7.42
N GLU A 132 6.31 19.09 8.55
CA GLU A 132 6.85 18.16 9.53
C GLU A 132 5.79 17.18 10.05
N LYS A 133 4.54 17.61 10.06
CA LYS A 133 3.43 16.77 10.54
C LYS A 133 3.17 15.55 9.63
N TYR A 134 3.64 15.62 8.38
CA TYR A 134 3.51 14.53 7.41
C TYR A 134 4.82 13.75 7.17
N LEU A 135 5.84 14.08 7.94
CA LEU A 135 7.10 13.36 7.88
C LEU A 135 7.22 12.48 9.12
N VAL A 136 7.31 11.18 8.91
CA VAL A 136 7.36 10.25 10.01
C VAL A 136 8.78 9.75 10.18
N ARG A 137 9.39 10.02 11.33
CA ARG A 137 10.73 9.53 11.59
C ARG A 137 10.68 8.04 11.76
N ILE A 138 11.69 7.37 11.23
CA ILE A 138 11.75 5.92 11.31
C ILE A 138 13.14 5.64 11.76
N PRO A 139 13.38 4.42 12.28
CA PRO A 139 14.74 4.03 12.70
C PRO A 139 15.74 4.07 11.54
N ARG A 140 16.94 4.54 11.83
CA ARG A 140 17.96 4.77 10.80
C ARG A 140 18.26 3.54 9.94
N SER A 141 18.31 2.37 10.57
CA SER A 141 18.52 1.11 9.87
C SER A 141 17.34 0.68 8.95
N GLN A 142 16.26 1.43 8.99
CA GLN A 142 15.15 1.15 8.06
C GLN A 142 15.25 2.02 6.79
N ALA A 143 16.32 2.82 6.71
CA ALA A 143 16.56 3.65 5.54
C ALA A 143 16.68 2.81 4.27
N GLU A 144 17.36 1.67 4.34
CA GLU A 144 17.58 0.83 3.14
C GLU A 144 16.27 0.36 2.50
N LEU A 145 15.34 -0.10 3.32
CA LEU A 145 14.05 -0.61 2.82
C LEU A 145 12.88 0.24 3.25
N GLY A 146 13.15 1.53 3.47
CA GLY A 146 12.20 2.46 4.05
C GLY A 146 11.04 2.75 3.13
N PHE A 147 11.23 2.50 1.84
CA PHE A 147 10.15 2.66 0.86
C PHE A 147 9.03 1.63 1.14
N LEU A 148 9.28 0.64 2.01
CA LEU A 148 8.27 -0.34 2.36
C LEU A 148 7.32 0.12 3.46
N ILE A 149 7.65 1.20 4.12
CA ILE A 149 6.86 1.64 5.28
C ILE A 149 5.47 2.07 4.85
N GLU A 150 5.39 2.86 3.78
CA GLU A 150 4.07 3.26 3.26
C GLU A 150 3.13 2.07 2.94
N PRO A 151 3.55 1.10 2.08
CA PRO A 151 2.59 -0.01 1.86
C PRO A 151 2.26 -0.84 3.11
N ILE A 152 3.23 -1.06 4.01
CA ILE A 152 2.91 -1.70 5.30
C ILE A 152 1.82 -0.93 6.03
N SER A 153 1.90 0.40 6.01
CA SER A 153 0.96 1.28 6.71
C SER A 153 -0.47 1.17 6.15
N ILE A 154 -0.61 0.90 4.86
CA ILE A 154 -1.91 0.67 4.24
C ILE A 154 -2.64 -0.50 4.94
N THR A 155 -1.89 -1.57 5.16
CA THR A 155 -2.39 -2.76 5.88
C THR A 155 -2.62 -2.48 7.36
N GLU A 156 -1.72 -1.72 7.98
CA GLU A 156 -1.91 -1.32 9.39
C GLU A 156 -3.26 -0.66 9.64
N LYS A 157 -3.63 0.29 8.78
CA LYS A 157 -4.94 0.93 8.87
C LYS A 157 -6.10 -0.04 8.59
N ALA A 158 -5.99 -0.82 7.51
CA ALA A 158 -7.07 -1.75 7.12
C ALA A 158 -7.37 -2.75 8.23
N LEU A 159 -6.32 -3.31 8.82
CA LEU A 159 -6.46 -4.22 9.97
C LEU A 159 -7.06 -3.51 11.17
N GLU A 160 -6.65 -2.26 11.41
CA GLU A 160 -7.20 -1.50 12.53
C GLU A 160 -8.73 -1.36 12.40
N HIS A 161 -9.20 -0.98 11.21
CA HIS A 161 -10.64 -0.84 10.97
C HIS A 161 -11.40 -2.17 10.93
N ALA A 162 -10.85 -3.17 10.24
CA ALA A 162 -11.47 -4.49 10.20
C ALA A 162 -11.61 -5.09 11.62
N TYR A 163 -10.55 -5.00 12.41
CA TYR A 163 -10.57 -5.50 13.79
C TYR A 163 -11.54 -4.71 14.69
N ALA A 164 -11.59 -3.40 14.49
CA ALA A 164 -12.56 -2.54 15.18
C ALA A 164 -14.00 -3.04 14.94
N SER A 165 -14.29 -3.52 13.73
CA SER A 165 -15.62 -4.06 13.43
C SER A 165 -16.00 -5.25 14.32
N ARG A 166 -14.99 -5.96 14.81
CA ARG A 166 -15.19 -7.18 15.60
C ARG A 166 -15.06 -6.94 17.11
N SER A 167 -14.94 -5.68 17.50
CA SER A 167 -14.58 -5.35 18.89
C SER A 167 -15.72 -5.40 19.92
N ALA A 168 -16.97 -5.56 19.46
CA ALA A 168 -18.11 -5.69 20.39
C ALA A 168 -18.25 -7.10 21.01
N PHE A 169 -17.45 -8.06 20.56
CA PHE A 169 -17.51 -9.41 21.13
C PHE A 169 -16.10 -9.96 21.27
N ASP A 170 -15.94 -11.07 21.99
CA ASP A 170 -14.63 -11.74 22.09
C ASP A 170 -14.36 -12.58 20.83
N TRP A 171 -13.83 -11.93 19.80
CA TRP A 171 -13.50 -12.56 18.54
C TRP A 171 -12.17 -13.29 18.69
N ASP A 172 -12.15 -14.54 18.26
CA ASP A 172 -10.98 -15.39 18.47
C ASP A 172 -10.64 -16.05 17.14
N PRO A 173 -10.06 -15.27 16.21
CA PRO A 173 -9.83 -15.84 14.88
C PRO A 173 -8.67 -16.84 14.90
N SER A 174 -8.73 -17.84 14.02
CA SER A 174 -7.61 -18.77 13.87
C SER A 174 -7.09 -18.81 12.43
N SER A 175 -7.94 -18.45 11.46
CA SER A 175 -7.54 -18.47 10.06
C SER A 175 -7.56 -17.11 9.36
N ALA A 176 -6.62 -16.92 8.42
CA ALA A 176 -6.60 -15.73 7.61
C ALA A 176 -6.26 -16.06 6.16
N PHE A 177 -6.91 -15.33 5.26
CA PHE A 177 -6.84 -15.59 3.84
C PHE A 177 -6.60 -14.27 3.12
N VAL A 178 -5.42 -14.13 2.52
CA VAL A 178 -5.12 -12.96 1.69
C VAL A 178 -5.48 -13.25 0.23
N LEU A 179 -6.31 -12.40 -0.36
CA LEU A 179 -6.62 -12.54 -1.75
C LEU A 179 -5.67 -11.64 -2.52
N GLY A 180 -4.77 -12.22 -3.31
CA GLY A 180 -3.81 -11.39 -4.05
C GLY A 180 -2.37 -11.66 -3.67
N ASN A 181 -1.53 -11.77 -4.70
CA ASN A 181 -0.09 -12.07 -4.52
C ASN A 181 0.79 -10.96 -5.11
N GLY A 182 0.25 -9.75 -5.15
CA GLY A 182 1.05 -8.56 -5.46
C GLY A 182 1.84 -8.20 -4.19
N SER A 183 2.66 -7.17 -4.23
CA SER A 183 3.50 -6.84 -3.06
C SER A 183 2.66 -6.51 -1.82
N LEU A 184 1.50 -5.87 -2.02
CA LEU A 184 0.60 -5.61 -0.88
C LEU A 184 0.08 -6.89 -0.23
N GLY A 185 -0.42 -7.82 -1.07
CA GLY A 185 -0.90 -9.08 -0.55
C GLY A 185 0.19 -9.82 0.21
N LEU A 186 1.41 -9.83 -0.36
CA LEU A 186 2.52 -10.60 0.24
C LEU A 186 3.01 -9.96 1.53
N LEU A 187 3.10 -8.64 1.53
CA LEU A 187 3.39 -7.90 2.79
C LEU A 187 2.39 -8.24 3.87
N THR A 188 1.11 -8.19 3.52
CA THR A 188 0.03 -8.45 4.45
C THR A 188 0.10 -9.88 4.99
N LEU A 189 0.44 -10.82 4.13
CA LEU A 189 0.56 -12.22 4.54
C LEU A 189 1.63 -12.40 5.62
N ALA A 190 2.80 -11.78 5.44
CA ALA A 190 3.86 -11.84 6.45
C ALA A 190 3.46 -11.11 7.73
N MET A 191 2.70 -10.02 7.60
CA MET A 191 2.16 -9.27 8.74
C MET A 191 1.19 -10.09 9.58
N LEU A 192 0.30 -10.82 8.90
CA LEU A 192 -0.68 -11.67 9.57
C LEU A 192 -0.01 -12.83 10.31
N LYS A 193 1.13 -13.27 9.79
CA LYS A 193 1.95 -14.24 10.49
C LYS A 193 2.48 -13.69 11.84
N VAL A 194 2.87 -12.42 11.88
CA VAL A 194 3.36 -11.83 13.15
C VAL A 194 2.28 -11.11 13.99
N ASP A 195 1.02 -11.14 13.52
CA ASP A 195 -0.11 -10.47 14.16
C ASP A 195 -0.42 -11.09 15.53
N ASP A 196 -0.71 -10.22 16.51
CA ASP A 196 -1.10 -10.61 17.88
C ASP A 196 -2.29 -11.55 17.96
N LYS A 197 -3.14 -11.55 16.93
CA LYS A 197 -4.33 -12.40 16.88
C LYS A 197 -3.95 -13.87 16.91
N GLY A 198 -2.64 -14.13 16.77
CA GLY A 198 -2.07 -15.47 16.67
C GLY A 198 -2.81 -16.40 15.71
N TYR A 199 -2.79 -16.08 14.41
CA TYR A 199 -3.43 -16.94 13.39
C TYR A 199 -2.70 -18.29 13.27
N GLU A 200 -3.47 -19.37 13.23
CA GLU A 200 -2.91 -20.73 13.11
C GLU A 200 -2.67 -21.11 11.65
N ASN A 201 -3.62 -20.78 10.77
CA ASN A 201 -3.53 -21.18 9.37
C ASN A 201 -3.66 -19.97 8.46
N LEU A 202 -2.70 -19.83 7.54
CA LEU A 202 -2.67 -18.71 6.59
C LEU A 202 -2.81 -19.21 5.15
N TYR A 203 -3.53 -18.44 4.34
CA TYR A 203 -3.76 -18.78 2.94
C TYR A 203 -3.59 -17.52 2.10
N CYS A 204 -3.14 -17.69 0.86
CA CYS A 204 -3.01 -16.59 -0.08
C CYS A 204 -3.42 -17.05 -1.47
N LEU A 205 -4.30 -16.26 -2.07
CA LEU A 205 -4.87 -16.54 -3.38
C LEU A 205 -4.08 -15.89 -4.50
N GLY A 206 -3.78 -16.68 -5.52
CA GLY A 206 -3.12 -16.18 -6.72
C GLY A 206 -3.59 -17.03 -7.89
N ARG A 207 -2.95 -16.84 -9.04
CA ARG A 207 -3.27 -17.66 -10.23
C ARG A 207 -2.01 -17.88 -11.10
N ARG A 208 -0.92 -18.28 -10.45
CA ARG A 208 0.36 -18.44 -11.14
C ARG A 208 0.64 -19.92 -11.34
N ASP A 209 1.42 -20.23 -12.37
CA ASP A 209 2.02 -21.55 -12.53
C ASP A 209 3.41 -21.55 -11.92
N ARG A 210 3.78 -22.67 -11.30
CA ARG A 210 5.13 -22.90 -10.85
C ARG A 210 6.04 -23.06 -12.08
N PRO A 211 7.32 -22.64 -11.97
CA PRO A 211 7.90 -21.99 -10.77
C PRO A 211 7.55 -20.50 -10.73
N ASP A 212 7.27 -19.98 -9.52
CA ASP A 212 6.88 -18.58 -9.37
C ASP A 212 7.35 -18.08 -8.00
N PRO A 213 8.01 -16.89 -7.95
CA PRO A 213 8.56 -16.39 -6.68
C PRO A 213 7.51 -15.93 -5.64
N THR A 214 6.28 -15.63 -6.07
CA THR A 214 5.20 -15.30 -5.12
C THR A 214 4.67 -16.56 -4.45
N ILE A 215 4.51 -17.64 -5.23
CA ILE A 215 4.20 -18.96 -4.68
C ILE A 215 5.26 -19.38 -3.66
N ASP A 216 6.54 -19.17 -4.00
CA ASP A 216 7.63 -19.56 -3.10
C ASP A 216 7.56 -18.79 -1.77
N ILE A 217 7.34 -17.48 -1.84
CA ILE A 217 7.18 -16.65 -0.63
C ILE A 217 6.02 -17.12 0.28
N ILE A 218 4.86 -17.36 -0.34
CA ILE A 218 3.65 -17.81 0.36
C ILE A 218 3.96 -19.10 1.10
N GLU A 219 4.61 -20.04 0.40
CA GLU A 219 4.90 -21.36 0.97
C GLU A 219 6.01 -21.32 2.00
N GLU A 220 7.01 -20.46 1.78
CA GLU A 220 8.10 -20.29 2.75
C GLU A 220 7.64 -19.61 4.05
N LEU A 221 6.57 -18.82 3.96
CA LEU A 221 5.90 -18.26 5.15
C LEU A 221 5.03 -19.27 5.88
N ASP A 222 4.98 -20.50 5.38
CA ASP A 222 4.17 -21.59 5.94
C ASP A 222 2.68 -21.38 5.66
N ALA A 223 2.38 -20.65 4.58
CA ALA A 223 1.01 -20.39 4.16
C ALA A 223 0.65 -21.30 3.00
N THR A 224 -0.64 -21.51 2.78
CA THR A 224 -1.12 -22.30 1.64
C THR A 224 -1.40 -21.44 0.44
N TYR A 225 -0.80 -21.79 -0.70
CA TYR A 225 -1.09 -21.14 -1.97
C TYR A 225 -2.40 -21.70 -2.52
N VAL A 226 -3.35 -20.81 -2.80
CA VAL A 226 -4.64 -21.18 -3.35
C VAL A 226 -4.71 -20.62 -4.76
N ASP A 227 -4.58 -21.52 -5.75
CA ASP A 227 -4.66 -21.16 -7.15
C ASP A 227 -6.14 -21.03 -7.47
N SER A 228 -6.57 -19.80 -7.77
CA SER A 228 -7.98 -19.54 -8.01
C SER A 228 -8.54 -20.28 -9.23
N ARG A 229 -7.68 -20.65 -10.17
CA ARG A 229 -8.11 -21.45 -11.32
C ARG A 229 -8.53 -22.87 -10.89
N GLN A 230 -8.03 -23.31 -9.73
CA GLN A 230 -8.35 -24.61 -9.14
C GLN A 230 -9.44 -24.51 -8.07
N THR A 231 -9.21 -23.64 -7.08
CA THR A 231 -10.10 -23.48 -5.96
C THR A 231 -10.48 -21.99 -5.86
N PRO A 232 -11.64 -21.61 -6.46
CA PRO A 232 -12.08 -20.22 -6.30
C PRO A 232 -12.48 -19.90 -4.86
N VAL A 233 -12.59 -18.62 -4.54
CA VAL A 233 -12.86 -18.15 -3.18
C VAL A 233 -14.05 -18.85 -2.50
N GLU A 234 -15.17 -18.95 -3.19
CA GLU A 234 -16.36 -19.59 -2.61
C GLU A 234 -16.18 -21.10 -2.35
N ASP A 235 -15.30 -21.75 -3.12
CA ASP A 235 -15.00 -23.18 -2.92
C ASP A 235 -14.06 -23.44 -1.74
N VAL A 236 -13.40 -22.39 -1.25
CA VAL A 236 -12.36 -22.52 -0.23
C VAL A 236 -12.82 -23.17 1.08
N PRO A 237 -14.05 -22.87 1.56
CA PRO A 237 -14.51 -23.60 2.76
C PRO A 237 -14.65 -25.12 2.58
N ASP A 238 -14.97 -25.57 1.36
CA ASP A 238 -15.04 -27.00 1.04
C ASP A 238 -13.65 -27.64 1.09
N VAL A 239 -12.75 -27.10 0.27
CA VAL A 239 -11.39 -27.60 0.08
C VAL A 239 -10.52 -27.38 1.33
N TYR A 240 -10.70 -26.27 2.01
CA TYR A 240 -9.83 -25.94 3.13
C TYR A 240 -10.60 -25.79 4.43
N GLU A 241 -10.96 -24.54 4.74
CA GLU A 241 -11.76 -24.21 5.90
C GLU A 241 -12.37 -22.82 5.71
N GLN A 242 -13.33 -22.51 6.57
CA GLN A 242 -13.89 -21.17 6.65
C GLN A 242 -12.87 -20.25 7.26
N MET A 243 -12.77 -19.04 6.69
CA MET A 243 -11.74 -18.06 7.06
C MET A 243 -12.30 -16.99 7.99
N ASP A 244 -11.73 -16.85 9.18
CA ASP A 244 -12.13 -15.82 10.15
C ASP A 244 -11.85 -14.41 9.64
N PHE A 245 -10.69 -14.28 8.97
CA PHE A 245 -10.30 -13.01 8.36
C PHE A 245 -9.92 -13.16 6.90
N ILE A 246 -10.46 -12.25 6.09
CA ILE A 246 -10.13 -12.17 4.68
C ILE A 246 -9.65 -10.75 4.37
N TYR A 247 -8.50 -10.67 3.72
CA TYR A 247 -7.95 -9.39 3.28
C TYR A 247 -7.91 -9.42 1.77
N GLU A 248 -8.75 -8.58 1.16
CA GLU A 248 -8.86 -8.53 -0.28
C GLU A 248 -7.89 -7.52 -0.91
N ALA A 249 -7.00 -8.01 -1.76
CA ALA A 249 -6.01 -7.18 -2.46
C ALA A 249 -5.84 -7.64 -3.93
N THR A 250 -6.96 -7.94 -4.58
CA THR A 250 -6.95 -8.35 -6.00
C THR A 250 -7.49 -7.26 -6.91
N GLY A 251 -8.42 -6.47 -6.37
CA GLY A 251 -9.20 -5.55 -7.19
C GLY A 251 -10.22 -6.25 -8.09
N PHE A 252 -10.53 -7.50 -7.76
CA PHE A 252 -11.51 -8.33 -8.51
C PHE A 252 -12.91 -8.26 -7.84
N PRO A 253 -13.90 -7.59 -8.48
CA PRO A 253 -15.20 -7.39 -7.82
C PRO A 253 -15.89 -8.65 -7.31
N LYS A 254 -15.72 -9.77 -8.01
CA LYS A 254 -16.29 -11.04 -7.57
C LYS A 254 -15.81 -11.40 -6.17
N HIS A 255 -14.57 -11.04 -5.85
CA HIS A 255 -13.99 -11.34 -4.55
C HIS A 255 -14.66 -10.60 -3.39
N ALA A 256 -15.12 -9.37 -3.62
CA ALA A 256 -15.91 -8.64 -2.62
C ALA A 256 -17.19 -9.41 -2.26
N ILE A 257 -17.88 -9.91 -3.29
CA ILE A 257 -19.12 -10.69 -3.10
C ILE A 257 -18.84 -12.05 -2.47
N GLN A 258 -17.92 -12.79 -3.07
CA GLN A 258 -17.64 -14.16 -2.64
C GLN A 258 -16.91 -14.26 -1.32
N SER A 259 -16.23 -13.20 -0.89
CA SER A 259 -15.55 -13.29 0.41
C SER A 259 -16.57 -13.55 1.53
N VAL A 260 -17.79 -13.03 1.39
CA VAL A 260 -18.87 -13.24 2.37
C VAL A 260 -19.15 -14.73 2.58
N GLN A 261 -19.20 -15.48 1.46
CA GLN A 261 -19.40 -16.94 1.53
C GLN A 261 -18.21 -17.70 2.12
N ALA A 262 -16.98 -17.26 1.83
CA ALA A 262 -15.78 -17.93 2.34
C ALA A 262 -15.50 -17.63 3.81
N LEU A 263 -16.09 -16.56 4.34
CA LEU A 263 -15.92 -16.19 5.74
C LEU A 263 -16.49 -17.19 6.74
N ALA A 264 -15.78 -17.37 7.85
CA ALA A 264 -16.34 -18.06 9.00
C ALA A 264 -17.40 -17.19 9.67
N PRO A 265 -18.34 -17.81 10.42
CA PRO A 265 -19.26 -16.98 11.17
C PRO A 265 -18.51 -15.97 12.01
N ASN A 266 -19.02 -14.73 12.03
CA ASN A 266 -18.52 -13.67 12.89
C ASN A 266 -17.21 -13.11 12.31
N GLY A 267 -16.87 -13.50 11.09
CA GLY A 267 -15.66 -13.03 10.45
C GLY A 267 -15.79 -11.67 9.80
N VAL A 268 -14.65 -11.11 9.37
CA VAL A 268 -14.66 -9.84 8.66
C VAL A 268 -13.77 -9.91 7.42
N GLY A 269 -14.26 -9.33 6.34
CA GLY A 269 -13.46 -9.07 5.16
C GLY A 269 -13.01 -7.62 5.13
N ALA A 270 -11.70 -7.40 4.98
CA ALA A 270 -11.20 -6.09 4.63
C ALA A 270 -11.08 -6.04 3.12
N LEU A 271 -11.62 -4.97 2.53
CA LEU A 271 -11.51 -4.70 1.12
C LEU A 271 -10.56 -3.55 0.87
N LEU A 272 -9.56 -3.79 0.01
CA LEU A 272 -8.54 -2.79 -0.38
C LEU A 272 -8.54 -2.53 -1.88
N GLY A 273 -9.12 -3.45 -2.63
CA GLY A 273 -9.12 -3.37 -4.11
C GLY A 273 -9.90 -2.21 -4.68
N VAL A 274 -9.43 -1.68 -5.80
CA VAL A 274 -10.09 -0.56 -6.46
C VAL A 274 -10.48 -0.92 -7.92
N PRO A 275 -11.63 -1.60 -8.09
CA PRO A 275 -12.09 -1.95 -9.44
C PRO A 275 -12.90 -0.85 -10.12
N SER A 276 -12.91 -0.88 -11.45
CA SER A 276 -13.82 -0.08 -12.26
C SER A 276 -15.21 -0.73 -12.19
N ASP A 277 -16.25 0.02 -12.54
CA ASP A 277 -17.59 -0.53 -12.69
C ASP A 277 -17.58 -1.83 -13.47
N TRP A 278 -18.38 -2.79 -13.03
CA TRP A 278 -18.51 -4.08 -13.70
C TRP A 278 -19.76 -4.77 -13.16
N ALA A 279 -20.77 -4.88 -14.02
CA ALA A 279 -22.05 -5.52 -13.65
C ALA A 279 -22.14 -6.97 -14.11
N PHE A 280 -22.68 -7.82 -13.25
CA PHE A 280 -22.93 -9.23 -13.54
C PHE A 280 -23.91 -9.82 -12.53
N GLU A 281 -24.27 -11.08 -12.73
CA GLU A 281 -25.30 -11.71 -11.92
C GLU A 281 -24.77 -12.12 -10.54
N VAL A 282 -25.41 -11.55 -9.51
CA VAL A 282 -25.05 -11.83 -8.13
C VAL A 282 -26.28 -12.37 -7.44
N ASP A 283 -26.10 -13.42 -6.66
CA ASP A 283 -27.14 -13.83 -5.71
C ASP A 283 -27.05 -12.92 -4.50
N ALA A 284 -27.70 -11.75 -4.60
CA ALA A 284 -27.71 -10.75 -3.54
C ALA A 284 -28.43 -11.25 -2.28
N GLY A 285 -29.44 -12.10 -2.47
CA GLY A 285 -30.17 -12.68 -1.35
C GLY A 285 -29.27 -13.55 -0.47
N ALA A 286 -28.46 -14.38 -1.10
CA ALA A 286 -27.52 -15.21 -0.34
C ALA A 286 -26.43 -14.34 0.30
N PHE A 287 -25.97 -13.32 -0.41
CA PHE A 287 -25.01 -12.35 0.11
C PHE A 287 -25.53 -11.71 1.40
N HIS A 288 -26.71 -11.09 1.28
CA HIS A 288 -27.45 -10.41 2.34
C HIS A 288 -27.70 -11.33 3.54
N ARG A 289 -28.37 -12.46 3.32
CA ARG A 289 -28.68 -13.39 4.43
C ARG A 289 -27.44 -13.87 5.20
N GLU A 290 -26.37 -14.17 4.45
CA GLU A 290 -25.14 -14.70 5.06
C GLU A 290 -24.47 -13.66 5.96
N MET A 291 -24.45 -12.39 5.51
CA MET A 291 -23.97 -11.28 6.35
C MET A 291 -24.69 -11.23 7.68
N VAL A 292 -26.02 -11.38 7.64
CA VAL A 292 -26.87 -11.17 8.80
C VAL A 292 -26.89 -12.36 9.76
N LEU A 293 -27.24 -13.54 9.23
CA LEU A 293 -27.41 -14.73 10.06
C LEU A 293 -26.11 -15.16 10.74
N HIS A 294 -24.99 -14.77 10.14
CA HIS A 294 -23.69 -15.14 10.68
C HIS A 294 -22.83 -13.96 11.15
N ASN A 295 -23.48 -12.83 11.43
CA ASN A 295 -22.84 -11.64 12.04
C ASN A 295 -21.49 -11.30 11.41
N LYS A 296 -21.46 -11.19 10.09
CA LYS A 296 -20.23 -10.89 9.36
C LYS A 296 -20.14 -9.42 9.04
N ALA A 297 -18.92 -8.96 8.75
CA ALA A 297 -18.65 -7.58 8.33
C ALA A 297 -17.81 -7.52 7.07
N LEU A 298 -18.01 -6.45 6.33
CA LEU A 298 -17.13 -6.03 5.27
C LEU A 298 -16.72 -4.60 5.55
N VAL A 299 -15.41 -4.36 5.52
CA VAL A 299 -14.89 -3.04 5.83
C VAL A 299 -13.93 -2.63 4.73
N GLY A 300 -14.24 -1.52 4.06
CA GLY A 300 -13.33 -0.96 3.03
C GLY A 300 -12.33 -0.02 3.67
N SER A 301 -11.12 0.05 3.10
CA SER A 301 -10.08 0.92 3.67
C SER A 301 -9.19 1.48 2.56
N VAL A 302 -8.83 2.75 2.70
CA VAL A 302 -7.96 3.39 1.72
C VAL A 302 -6.97 4.31 2.43
N ASN A 303 -5.73 4.34 1.93
CA ASN A 303 -4.71 5.27 2.42
C ASN A 303 -4.33 4.88 3.86
N SER A 304 -3.74 5.81 4.59
CA SER A 304 -3.22 5.56 5.93
C SER A 304 -2.65 6.87 6.48
N HIS A 305 -2.40 6.91 7.78
CA HIS A 305 -1.83 8.11 8.39
C HIS A 305 -0.72 7.80 9.38
N VAL A 306 -0.28 8.83 10.11
CA VAL A 306 0.94 8.82 10.91
C VAL A 306 1.07 7.63 11.88
N GLU A 307 0.00 7.42 12.65
CA GLU A 307 -0.11 6.31 13.57
C GLU A 307 0.18 4.97 12.86
N HIS A 308 -0.36 4.80 11.66
CA HIS A 308 -0.13 3.58 10.85
C HIS A 308 1.30 3.45 10.34
N PHE A 309 1.94 4.58 10.01
CA PHE A 309 3.35 4.58 9.63
C PHE A 309 4.23 4.22 10.81
N GLU A 310 3.89 4.72 12.01
CA GLU A 310 4.65 4.33 13.21
C GLU A 310 4.53 2.85 13.54
N ALA A 311 3.30 2.34 13.50
CA ALA A 311 3.02 0.91 13.65
C ALA A 311 3.80 0.08 12.64
N ALA A 312 3.84 0.58 11.39
CA ALA A 312 4.59 -0.09 10.33
C ALA A 312 6.06 -0.28 10.65
N THR A 313 6.70 0.70 11.31
CA THR A 313 8.12 0.53 11.74
C THR A 313 8.33 -0.62 12.71
N VAL A 314 7.38 -0.78 13.64
CA VAL A 314 7.42 -1.90 14.60
C VAL A 314 7.23 -3.22 13.88
N THR A 315 6.20 -3.29 13.04
CA THR A 315 5.94 -4.48 12.23
C THR A 315 7.14 -4.84 11.36
N PHE A 316 7.75 -3.83 10.73
CA PHE A 316 8.94 -4.04 9.91
C PHE A 316 10.03 -4.83 10.63
N THR A 317 10.31 -4.46 11.87
CA THR A 317 11.35 -5.13 12.68
C THR A 317 11.08 -6.63 12.86
N LYS A 318 9.80 -7.01 12.87
CA LYS A 318 9.38 -8.40 13.08
C LYS A 318 9.39 -9.24 11.82
N LEU A 319 9.47 -8.58 10.66
CA LEU A 319 9.45 -9.27 9.38
C LEU A 319 10.73 -10.06 9.14
N PRO A 320 10.60 -11.32 8.69
CA PRO A 320 11.81 -12.14 8.45
C PRO A 320 12.75 -11.53 7.39
N LYS A 321 14.07 -11.70 7.58
CA LYS A 321 15.06 -11.14 6.65
C LYS A 321 14.97 -11.79 5.28
N TRP A 322 14.77 -13.11 5.26
CA TRP A 322 14.61 -13.84 4.01
C TRP A 322 13.45 -13.25 3.21
N PHE A 323 12.37 -12.88 3.91
CA PHE A 323 11.16 -12.39 3.28
C PHE A 323 11.40 -11.04 2.60
N LEU A 324 12.00 -10.12 3.35
CA LEU A 324 12.39 -8.81 2.82
C LEU A 324 13.33 -8.96 1.60
N GLU A 325 14.28 -9.91 1.68
CA GLU A 325 15.21 -10.18 0.60
C GLU A 325 14.46 -10.64 -0.65
N ASP A 326 13.52 -11.57 -0.48
CA ASP A 326 12.76 -12.16 -1.59
C ASP A 326 11.69 -11.21 -2.13
N LEU A 327 11.08 -10.42 -1.25
CA LEU A 327 10.01 -9.48 -1.66
C LEU A 327 10.54 -8.39 -2.62
N VAL A 328 11.72 -7.85 -2.28
CA VAL A 328 12.34 -6.76 -3.03
C VAL A 328 13.22 -7.34 -4.13
N THR A 329 12.69 -7.29 -5.33
CA THR A 329 13.30 -7.99 -6.46
C THR A 329 14.37 -7.12 -7.18
N GLY A 330 14.25 -5.79 -7.07
CA GLY A 330 15.30 -4.93 -7.57
C GLY A 330 15.23 -3.50 -7.07
N VAL A 331 16.36 -2.98 -6.60
CA VAL A 331 16.52 -1.55 -6.33
C VAL A 331 17.48 -1.04 -7.42
N HIS A 332 17.02 -0.05 -8.17
CA HIS A 332 17.73 0.42 -9.36
C HIS A 332 18.27 1.80 -9.15
N PRO A 333 19.56 2.02 -9.45
CA PRO A 333 20.06 3.38 -9.33
C PRO A 333 19.32 4.27 -10.33
N LEU A 334 19.25 5.55 -10.02
CA LEU A 334 18.60 6.51 -10.91
C LEU A 334 19.18 6.42 -12.34
N SER A 335 20.49 6.21 -12.44
CA SER A 335 21.20 6.03 -13.71
C SER A 335 20.60 4.97 -14.63
N GLU A 336 20.06 3.90 -14.04
CA GLU A 336 19.41 2.83 -14.78
C GLU A 336 17.98 2.58 -14.26
N PHE A 337 17.22 3.66 -14.08
CA PHE A 337 15.92 3.64 -13.41
C PHE A 337 14.82 2.89 -14.17
N GLU A 338 14.92 2.87 -15.50
CA GLU A 338 13.88 2.30 -16.38
C GLU A 338 13.49 0.88 -15.99
N ALA A 339 14.49 0.09 -15.60
CA ALA A 339 14.29 -1.29 -15.10
C ALA A 339 13.32 -1.41 -13.90
N ALA A 340 13.21 -0.34 -13.11
CA ALA A 340 12.28 -0.29 -11.97
C ALA A 340 10.81 -0.44 -12.37
N PHE A 341 10.48 -0.03 -13.59
CA PHE A 341 9.11 -0.12 -14.09
C PHE A 341 8.82 -1.39 -14.92
N ASP A 342 9.75 -2.34 -14.89
CA ASP A 342 9.49 -3.74 -15.28
C ASP A 342 8.21 -4.24 -14.64
N ASP A 343 7.42 -4.97 -15.41
CA ASP A 343 6.19 -5.53 -14.89
C ASP A 343 6.02 -6.92 -15.48
N ASP A 344 6.46 -7.91 -14.71
CA ASP A 344 6.27 -9.31 -15.07
C ASP A 344 6.13 -10.13 -13.80
N ASP A 345 5.85 -11.42 -13.97
CA ASP A 345 5.62 -12.33 -12.88
C ASP A 345 6.77 -12.44 -11.87
N THR A 346 8.01 -12.38 -12.34
CA THR A 346 9.18 -12.45 -11.41
C THR A 346 9.50 -11.11 -10.76
N THR A 347 8.76 -10.06 -11.11
CA THR A 347 8.96 -8.73 -10.56
C THR A 347 7.94 -8.53 -9.44
N ILE A 348 8.41 -8.38 -8.20
CA ILE A 348 7.50 -8.20 -7.07
C ILE A 348 7.49 -6.74 -6.60
N LYS A 349 8.49 -6.33 -5.82
CA LYS A 349 8.60 -4.92 -5.41
C LYS A 349 9.94 -4.38 -5.91
N THR A 350 9.87 -3.25 -6.62
CA THR A 350 11.05 -2.53 -7.04
C THR A 350 11.10 -1.13 -6.41
N ALA A 351 12.29 -0.53 -6.44
CA ALA A 351 12.47 0.85 -6.03
C ALA A 351 13.58 1.50 -6.86
N ILE A 352 13.59 2.82 -6.86
CA ILE A 352 14.67 3.61 -7.46
C ILE A 352 15.46 4.32 -6.35
N GLU A 353 16.78 4.13 -6.37
CA GLU A 353 17.70 4.79 -5.45
C GLU A 353 18.22 6.11 -6.04
N PHE A 354 17.88 7.20 -5.34
CA PHE A 354 18.32 8.55 -5.71
C PHE A 354 19.62 8.94 -5.02
N SER A 355 19.79 8.51 -3.77
CA SER A 355 21.03 8.75 -3.02
C SER A 355 21.19 7.73 -1.91
N THR A 356 22.35 7.77 -1.26
CA THR A 356 22.61 6.96 -0.07
C THR A 356 22.80 7.93 1.08
N VAL A 357 22.72 7.42 2.31
CA VAL A 357 22.80 8.30 3.47
C VAL A 357 24.19 8.94 3.55
#